data_2OJT
#
_entry.id   2OJT
#
_cell.length_a   97.598
_cell.length_b   97.732
_cell.length_c   128.688
_cell.angle_alpha   90.00
_cell.angle_beta   90.00
_cell.angle_gamma   90.00
#
_symmetry.space_group_name_H-M   'C 2 2 21'
#
loop_
_entity.id
_entity.type
_entity.pdbx_description
1 polymer 'Glutamate receptor, ionotropic kainate 1'
2 non-polymer 'BROMIDE ION'
3 non-polymer 'PENTAETHYLENE GLYCOL'
4 non-polymer (S)-1-(2-AMINO-2-CARBOXYETHYL)-3(2-CARBOXYTHIOPHENE-3-YL-METHYL)-5-METHYLPYRIMIDINE-2,4-DIONE
5 water water
#
_entity_poly.entity_id   1
_entity_poly.type   'polypeptide(L)'
_entity_poly.pdbx_seq_one_letter_code
;GSNRTLIVTTILEEPYVMYRKSDKPLYGNDRFEGYCLDLLKELSNILGFLYDVKLVPDGKYGAQNDKGEWNGMVKELIDH
RADLAVAPLTITYVREKVIDFSKPFMTLGISILYRKGTPIDSADDLAKQTKIEYGAVRDGSTMTFFKKSKISTYEKMWAF
MSSRQQSALVKNSDEGIQRVLTTDYALLMESTSIEYVTQRNCNLTQIGGLIDSKGYGVGTPIGSPYRDKITIAILQLQEE
GKLHMMKEKWWRGNGCPS
;
_entity_poly.pdbx_strand_id   A,B
#
# COMPACT_ATOMS: atom_id res chain seq x y z
N ARG A 4 -6.87 4.28 -16.09
CA ARG A 4 -6.67 4.52 -14.63
C ARG A 4 -6.28 5.95 -14.35
N THR A 5 -7.07 6.62 -13.52
CA THR A 5 -6.68 7.94 -13.05
C THR A 5 -5.87 7.70 -11.79
N LEU A 6 -4.63 8.13 -11.81
CA LEU A 6 -3.78 7.92 -10.66
C LEU A 6 -4.16 8.86 -9.52
N ILE A 7 -4.22 8.30 -8.32
CA ILE A 7 -4.48 9.08 -7.14
C ILE A 7 -3.13 9.52 -6.56
N VAL A 8 -2.95 10.83 -6.40
CA VAL A 8 -1.65 11.35 -5.97
C VAL A 8 -1.81 11.93 -4.60
N THR A 9 -1.07 11.39 -3.63
CA THR A 9 -1.11 11.96 -2.30
C THR A 9 -0.03 13.02 -2.20
N THR A 10 -0.35 14.08 -1.45
CA THR A 10 0.60 15.14 -1.26
C THR A 10 0.25 15.91 0.02
N ILE A 11 0.99 16.97 0.30
CA ILE A 11 0.82 17.65 1.58
C ILE A 11 1.01 19.15 1.37
N LEU A 12 0.23 19.98 2.07
CA LEU A 12 0.37 21.44 1.96
C LEU A 12 1.71 21.82 2.53
N GLU A 13 2.53 22.47 1.74
CA GLU A 13 3.88 22.85 2.19
C GLU A 13 4.43 23.86 1.19
N GLU A 14 4.64 25.10 1.62
CA GLU A 14 5.10 26.15 0.70
C GLU A 14 6.58 26.00 0.39
N PRO A 15 6.99 26.17 -0.88
CA PRO A 15 6.22 26.47 -2.09
C PRO A 15 5.92 25.23 -2.94
N TYR A 16 5.91 24.04 -2.33
CA TYR A 16 5.69 22.80 -3.09
C TYR A 16 4.23 22.62 -3.46
N VAL A 17 3.34 22.88 -2.52
CA VAL A 17 1.91 22.62 -2.68
C VAL A 17 1.16 23.64 -1.84
N MET A 18 0.34 24.44 -2.51
N MET A 18 0.30 24.41 -2.52
CA MET A 18 -0.46 25.47 -1.86
CA MET A 18 -0.43 25.50 -1.91
C MET A 18 -1.81 25.57 -2.56
C MET A 18 -1.79 25.64 -2.60
N TYR A 19 -2.80 26.09 -1.86
CA TYR A 19 -4.08 26.39 -2.48
C TYR A 19 -3.83 27.68 -3.29
N ARG A 20 -4.39 27.77 -4.49
CA ARG A 20 -4.19 28.97 -5.34
C ARG A 20 -4.90 30.11 -4.67
N LYS A 21 -4.36 31.33 -4.77
CA LYS A 21 -5.01 32.46 -4.12
C LYS A 21 -6.08 32.95 -5.09
N SER A 22 -7.21 32.25 -5.16
CA SER A 22 -8.25 32.63 -6.13
C SER A 22 -9.63 32.18 -5.67
N ASP A 23 -10.67 32.95 -5.98
CA ASP A 23 -12.04 32.52 -5.71
C ASP A 23 -12.73 32.14 -7.01
N LYS A 24 -11.93 32.01 -8.07
CA LYS A 24 -12.44 31.54 -9.34
C LYS A 24 -12.93 30.11 -9.20
N PRO A 25 -13.82 29.67 -10.08
CA PRO A 25 -14.38 28.32 -10.06
C PRO A 25 -13.31 27.35 -10.52
N LEU A 26 -12.53 26.86 -9.57
CA LEU A 26 -11.43 25.93 -9.84
C LEU A 26 -11.75 24.64 -9.10
N TYR A 27 -11.68 23.52 -9.78
CA TYR A 27 -12.01 22.24 -9.17
C TYR A 27 -10.88 21.25 -9.32
N GLY A 28 -10.92 20.18 -8.53
CA GLY A 28 -9.93 19.13 -8.65
C GLY A 28 -8.52 19.65 -8.54
N ASN A 29 -7.66 19.21 -9.46
CA ASN A 29 -6.25 19.59 -9.41
C ASN A 29 -6.02 21.09 -9.55
N ASP A 30 -6.98 21.78 -10.15
CA ASP A 30 -6.87 23.22 -10.44
C ASP A 30 -6.90 24.10 -9.19
N ARG A 31 -7.27 23.50 -8.06
CA ARG A 31 -7.36 24.22 -6.78
C ARG A 31 -5.98 24.46 -6.20
N PHE A 32 -4.97 23.76 -6.74
CA PHE A 32 -3.63 23.84 -6.17
C PHE A 32 -2.63 24.42 -7.13
N GLU A 33 -1.50 24.87 -6.58
CA GLU A 33 -0.37 25.34 -7.39
C GLU A 33 0.89 25.05 -6.58
N GLY A 34 2.06 25.18 -7.19
CA GLY A 34 3.32 24.97 -6.49
C GLY A 34 4.30 24.12 -7.29
N TYR A 35 5.52 24.01 -6.77
CA TYR A 35 6.57 23.21 -7.44
C TYR A 35 6.09 21.80 -7.76
N CYS A 36 5.44 21.16 -6.79
CA CYS A 36 5.06 19.76 -6.98
C CYS A 36 3.91 19.59 -7.96
N LEU A 37 3.05 20.59 -8.02
CA LEU A 37 1.97 20.60 -9.01
C LEU A 37 2.54 20.78 -10.42
N ASP A 38 3.55 21.67 -10.58
CA ASP A 38 4.22 21.81 -11.86
C ASP A 38 4.98 20.54 -12.24
N LEU A 39 5.65 19.93 -11.27
CA LEU A 39 6.35 18.66 -11.56
C LEU A 39 5.37 17.59 -12.04
N LEU A 40 4.26 17.46 -11.33
CA LEU A 40 3.25 16.48 -11.64
C LEU A 40 2.66 16.70 -13.03
N LYS A 41 2.38 17.97 -13.39
CA LYS A 41 1.94 18.24 -14.78
C LYS A 41 2.96 17.75 -15.81
N GLU A 42 4.24 18.03 -15.56
CA GLU A 42 5.29 17.60 -16.50
C GLU A 42 5.34 16.09 -16.58
N LEU A 43 5.24 15.43 -15.43
CA LEU A 43 5.29 13.98 -15.39
C LEU A 43 4.11 13.42 -16.15
N SER A 44 2.93 13.98 -15.90
N SER A 44 2.92 13.95 -15.90
CA SER A 44 1.68 13.55 -16.54
CA SER A 44 1.72 13.48 -16.58
C SER A 44 1.69 13.68 -18.05
C SER A 44 1.92 13.54 -18.08
N ASN A 45 2.41 14.67 -18.56
CA ASN A 45 2.60 14.87 -20.00
C ASN A 45 3.64 13.97 -20.62
N ILE A 46 4.73 13.68 -19.91
CA ILE A 46 5.75 12.78 -20.43
C ILE A 46 5.26 11.33 -20.45
N LEU A 47 4.63 10.89 -19.36
CA LEU A 47 4.17 9.51 -19.22
C LEU A 47 2.79 9.24 -19.81
N GLY A 48 1.95 10.27 -19.84
CA GLY A 48 0.59 10.15 -20.36
C GLY A 48 -0.38 9.55 -19.36
N PHE A 49 -0.47 10.12 -18.16
CA PHE A 49 -1.44 9.60 -17.22
C PHE A 49 -2.35 10.70 -16.73
N LEU A 50 -3.57 10.31 -16.33
CA LEU A 50 -4.51 11.23 -15.72
C LEU A 50 -4.27 11.10 -14.23
N TYR A 51 -4.57 12.14 -13.46
CA TYR A 51 -4.32 12.04 -12.04
C TYR A 51 -5.29 12.91 -11.26
N ASP A 52 -5.45 12.57 -9.98
CA ASP A 52 -6.32 13.31 -9.07
C ASP A 52 -5.52 13.54 -7.80
N VAL A 53 -5.33 14.80 -7.48
CA VAL A 53 -4.53 15.16 -6.31
C VAL A 53 -5.38 15.10 -5.04
N LYS A 54 -4.90 14.38 -4.04
CA LYS A 54 -5.60 14.32 -2.78
C LYS A 54 -4.66 14.62 -1.62
N LEU A 55 -4.94 15.67 -0.85
CA LEU A 55 -4.10 15.99 0.31
C LEU A 55 -4.19 14.84 1.32
N VAL A 56 -3.06 14.47 1.93
CA VAL A 56 -3.06 13.35 2.87
C VAL A 56 -3.96 13.72 4.06
N PRO A 57 -4.93 12.84 4.40
CA PRO A 57 -5.91 13.18 5.42
C PRO A 57 -5.36 13.54 6.79
N ASP A 58 -4.27 12.88 7.23
CA ASP A 58 -3.72 13.21 8.55
C ASP A 58 -2.67 14.31 8.54
N GLY A 59 -2.41 14.89 7.36
CA GLY A 59 -1.41 15.93 7.22
C GLY A 59 0.02 15.59 7.60
N LYS A 60 0.40 14.31 7.52
N LYS A 60 0.40 14.32 7.49
CA LYS A 60 1.75 13.91 7.90
CA LYS A 60 1.74 13.88 7.89
C LYS A 60 2.54 13.32 6.73
C LYS A 60 2.55 13.31 6.72
N TYR A 61 3.87 13.41 6.80
CA TYR A 61 4.74 12.86 5.74
C TYR A 61 4.75 11.35 5.79
N GLY A 62 5.05 10.80 6.95
CA GLY A 62 5.09 9.35 7.06
C GLY A 62 6.16 8.86 8.01
N ALA A 63 5.69 8.36 9.14
CA ALA A 63 6.56 7.78 10.16
C ALA A 63 5.93 6.52 10.74
N GLN A 64 6.76 5.75 11.41
CA GLN A 64 6.40 4.43 11.93
C GLN A 64 6.21 4.43 13.45
N ASN A 65 5.26 3.63 13.94
CA ASN A 65 5.13 3.39 15.39
C ASN A 65 5.66 2.00 15.74
N ASP A 66 5.52 1.62 17.01
CA ASP A 66 6.11 0.38 17.46
C ASP A 66 5.49 -0.91 16.90
N LYS A 67 4.19 -0.89 16.62
CA LYS A 67 3.56 -2.06 16.01
C LYS A 67 4.01 -2.14 14.54
N GLY A 68 4.82 -1.17 14.12
CA GLY A 68 5.27 -1.09 12.73
C GLY A 68 4.17 -0.52 11.86
N GLU A 69 3.36 0.33 12.47
CA GLU A 69 2.25 0.96 11.78
C GLU A 69 2.67 2.33 11.28
N TRP A 70 2.35 2.61 10.02
CA TRP A 70 2.75 3.85 9.40
C TRP A 70 1.62 4.84 9.35
N ASN A 71 1.98 6.10 9.15
CA ASN A 71 1.01 7.14 8.95
C ASN A 71 1.38 7.98 7.72
N GLY A 72 0.70 9.10 7.53
CA GLY A 72 1.06 10.04 6.46
C GLY A 72 0.92 9.53 5.03
N MET A 73 1.62 10.18 4.11
CA MET A 73 1.59 9.79 2.69
C MET A 73 2.13 8.35 2.51
N VAL A 74 3.09 7.97 3.34
CA VAL A 74 3.63 6.61 3.25
C VAL A 74 2.53 5.57 3.46
N LYS A 75 1.70 5.79 4.48
N LYS A 75 1.70 5.79 4.48
CA LYS A 75 0.59 4.86 4.75
CA LYS A 75 0.57 4.88 4.77
C LYS A 75 -0.43 4.84 3.61
C LYS A 75 -0.43 4.84 3.61
N GLU A 76 -0.65 5.98 2.96
CA GLU A 76 -1.58 6.02 1.83
C GLU A 76 -1.08 5.11 0.73
N LEU A 77 0.23 5.12 0.46
CA LEU A 77 0.80 4.23 -0.57
C LEU A 77 0.75 2.75 -0.16
N ILE A 78 1.17 2.46 1.06
CA ILE A 78 1.10 1.07 1.62
C ILE A 78 -0.31 0.51 1.47
N ASP A 79 -1.33 1.33 1.71
CA ASP A 79 -2.73 0.86 1.64
C ASP A 79 -3.34 0.89 0.24
N HIS A 80 -2.56 1.30 -0.75
CA HIS A 80 -3.03 1.39 -2.13
C HIS A 80 -4.15 2.43 -2.25
N ARG A 81 -4.17 3.42 -1.36
N ARG A 81 -4.13 3.42 -1.36
CA ARG A 81 -5.16 4.48 -1.51
CA ARG A 81 -5.05 4.55 -1.34
C ARG A 81 -4.61 5.57 -2.44
C ARG A 81 -4.50 5.73 -2.15
N ALA A 82 -3.29 5.56 -2.68
CA ALA A 82 -2.67 6.54 -3.58
C ALA A 82 -1.72 5.75 -4.46
N ASP A 83 -1.59 6.17 -5.70
CA ASP A 83 -0.66 5.54 -6.63
C ASP A 83 0.74 6.17 -6.56
N LEU A 84 0.78 7.47 -6.31
CA LEU A 84 2.03 8.21 -6.22
C LEU A 84 1.97 9.17 -5.05
N ALA A 85 3.13 9.49 -4.47
CA ALA A 85 3.24 10.59 -3.50
C ALA A 85 4.19 11.58 -4.16
N VAL A 86 3.73 12.80 -4.38
CA VAL A 86 4.57 13.82 -5.00
C VAL A 86 4.58 14.99 -4.03
N ALA A 87 5.70 15.14 -3.36
CA ALA A 87 5.81 16.03 -2.22
C ALA A 87 7.31 16.13 -1.89
N PRO A 88 7.68 17.06 -0.99
CA PRO A 88 9.04 17.11 -0.46
C PRO A 88 9.23 15.95 0.50
N LEU A 89 9.28 14.75 -0.06
CA LEU A 89 9.33 13.52 0.71
C LEU A 89 10.71 12.86 0.56
N THR A 90 11.46 12.80 1.66
CA THR A 90 12.82 12.31 1.63
C THR A 90 12.93 10.81 1.45
N ILE A 91 13.82 10.40 0.55
CA ILE A 91 14.12 9.00 0.27
C ILE A 91 14.99 8.51 1.43
N THR A 92 14.46 7.57 2.22
CA THR A 92 15.20 7.06 3.38
C THR A 92 15.19 5.54 3.44
N TYR A 93 16.20 5.01 4.12
CA TYR A 93 16.34 3.56 4.28
C TYR A 93 15.07 2.92 4.82
N VAL A 94 14.51 3.47 5.89
N VAL A 94 14.53 3.51 5.89
CA VAL A 94 13.32 2.85 6.49
CA VAL A 94 13.34 3.01 6.59
C VAL A 94 12.10 2.87 5.58
C VAL A 94 12.05 2.97 5.75
N ARG A 95 11.88 4.00 4.90
CA ARG A 95 10.77 4.06 3.99
C ARG A 95 10.90 3.11 2.78
N GLU A 96 12.12 2.93 2.28
CA GLU A 96 12.37 1.99 1.17
C GLU A 96 12.03 0.52 1.53
N LYS A 97 11.84 0.25 2.82
N LYS A 97 11.83 0.22 2.81
CA LYS A 97 11.45 -1.09 3.28
CA LYS A 97 11.45 -1.14 3.19
C LYS A 97 9.98 -1.35 2.92
C LYS A 97 9.95 -1.36 2.99
N VAL A 98 9.20 -0.27 2.84
CA VAL A 98 7.74 -0.37 2.68
C VAL A 98 7.11 0.28 1.43
N ILE A 99 7.85 1.19 0.79
CA ILE A 99 7.40 1.80 -0.46
C ILE A 99 8.61 1.91 -1.42
N ASP A 100 8.37 2.20 -2.69
CA ASP A 100 9.48 2.42 -3.63
C ASP A 100 9.56 3.92 -3.88
N PHE A 101 10.66 4.39 -4.46
CA PHE A 101 10.84 5.82 -4.76
C PHE A 101 11.50 5.96 -6.11
N SER A 102 11.14 6.98 -6.86
CA SER A 102 11.88 7.33 -8.06
C SER A 102 13.21 7.88 -7.61
N LYS A 103 14.15 8.05 -8.55
CA LYS A 103 15.38 8.75 -8.19
C LYS A 103 15.01 10.19 -7.87
N PRO A 104 15.88 10.90 -7.14
CA PRO A 104 15.49 12.23 -6.64
C PRO A 104 15.26 13.31 -7.71
N PHE A 105 14.19 14.10 -7.53
CA PHE A 105 13.97 15.28 -8.39
C PHE A 105 14.61 16.53 -7.75
N MET A 106 15.06 16.40 -6.50
CA MET A 106 15.74 17.51 -5.82
C MET A 106 16.70 16.90 -4.82
N THR A 107 17.91 17.44 -4.77
N THR A 107 17.94 17.37 -4.76
CA THR A 107 18.94 17.01 -3.83
CA THR A 107 18.90 16.87 -3.76
C THR A 107 19.08 18.12 -2.80
C THR A 107 19.38 18.01 -2.86
N LEU A 108 19.33 17.76 -1.55
CA LEU A 108 19.51 18.79 -0.51
C LEU A 108 20.30 18.26 0.67
N GLY A 109 20.49 19.11 1.67
CA GLY A 109 21.19 18.68 2.88
C GLY A 109 21.06 19.76 3.94
N ILE A 110 21.43 19.42 5.16
CA ILE A 110 21.39 20.37 6.26
C ILE A 110 22.41 21.46 6.00
N SER A 111 22.05 22.71 6.28
CA SER A 111 22.99 23.82 6.14
C SER A 111 22.72 24.90 7.20
N ILE A 112 23.44 26.01 7.11
CA ILE A 112 23.38 27.05 8.13
C ILE A 112 22.77 28.36 7.66
N LEU A 113 21.75 28.82 8.39
CA LEU A 113 21.13 30.10 8.11
C LEU A 113 21.63 31.17 9.09
N TYR A 114 22.24 32.23 8.56
CA TYR A 114 22.84 33.25 9.41
C TYR A 114 22.91 34.62 8.71
N ARG A 115 23.24 35.65 9.47
CA ARG A 115 23.35 37.00 8.91
C ARG A 115 24.55 37.15 7.98
N LYS A 116 24.43 38.06 7.02
CA LYS A 116 25.55 38.36 6.12
C LYS A 116 26.60 39.19 6.86
N GLY A 117 27.81 39.21 6.30
CA GLY A 117 28.88 40.07 6.82
C GLY A 117 29.73 39.56 7.97
N THR A 118 29.39 38.39 8.49
CA THR A 118 30.13 37.80 9.61
C THR A 118 31.23 36.86 9.11
N PRO A 119 32.38 36.85 9.80
CA PRO A 119 33.52 36.00 9.44
C PRO A 119 33.20 34.50 9.41
N ILE A 120 32.01 34.13 9.88
CA ILE A 120 31.58 32.72 9.94
C ILE A 120 31.45 32.11 8.55
N ASP A 121 32.02 30.92 8.37
CA ASP A 121 32.08 30.30 7.05
C ASP A 121 31.67 28.82 7.03
N SER A 122 31.44 28.23 8.20
CA SER A 122 31.08 26.81 8.26
C SER A 122 30.58 26.37 9.63
N ALA A 123 30.27 25.08 9.74
CA ALA A 123 29.81 24.49 11.00
C ALA A 123 30.98 24.36 11.97
N ASP A 124 32.18 24.20 11.43
CA ASP A 124 33.39 24.11 12.26
C ASP A 124 33.65 25.44 12.95
N ASP A 125 33.27 26.53 12.29
CA ASP A 125 33.40 27.87 12.87
C ASP A 125 32.42 28.06 14.02
N LEU A 126 31.24 27.46 13.90
CA LEU A 126 30.24 27.56 14.95
C LEU A 126 30.57 26.66 16.13
N ALA A 127 30.99 25.44 15.83
CA ALA A 127 31.26 24.42 16.84
C ALA A 127 32.21 24.86 17.96
N LYS A 128 33.38 25.36 17.58
CA LYS A 128 34.41 25.73 18.55
C LYS A 128 34.14 26.99 19.40
N GLN A 129 33.12 27.78 19.04
CA GLN A 129 32.80 28.98 19.80
C GLN A 129 31.45 28.86 20.52
N THR A 130 31.08 29.90 21.28
CA THR A 130 29.84 29.90 22.05
C THR A 130 29.19 31.29 22.17
N LYS A 131 29.86 32.32 21.63
CA LYS A 131 29.32 33.68 21.64
C LYS A 131 28.11 33.75 20.73
N ILE A 132 28.08 32.88 19.73
CA ILE A 132 26.99 32.81 18.79
C ILE A 132 26.23 31.52 19.06
N GLU A 133 24.96 31.63 19.44
CA GLU A 133 24.15 30.43 19.64
C GLU A 133 23.76 29.85 18.31
N TYR A 134 23.53 28.55 18.30
CA TYR A 134 23.10 27.84 17.10
C TYR A 134 22.32 26.60 17.48
N GLY A 135 21.24 26.33 16.74
CA GLY A 135 20.39 25.18 17.03
C GLY A 135 19.55 24.72 15.86
N ALA A 136 18.45 24.05 16.16
CA ALA A 136 17.58 23.47 15.15
C ALA A 136 16.16 23.39 15.71
N VAL A 137 15.19 23.11 14.84
CA VAL A 137 13.82 22.92 15.27
C VAL A 137 13.74 21.67 16.13
N ARG A 138 13.13 21.79 17.30
CA ARG A 138 13.00 20.68 18.23
C ARG A 138 12.30 19.47 17.59
N ASP A 139 12.96 18.30 17.63
CA ASP A 139 12.34 17.05 17.21
C ASP A 139 12.19 16.90 15.69
N GLY A 140 12.89 17.74 14.95
CA GLY A 140 12.83 17.72 13.49
C GLY A 140 13.95 16.91 12.88
N SER A 141 13.87 16.69 11.58
N SER A 141 13.87 16.70 11.58
CA SER A 141 14.88 15.88 10.89
CA SER A 141 14.85 15.95 10.83
C SER A 141 16.30 16.37 11.17
C SER A 141 16.27 16.37 11.16
N THR A 142 16.48 17.69 11.27
CA THR A 142 17.83 18.22 11.48
C THR A 142 18.37 17.97 12.89
N MET A 143 17.50 18.07 13.90
CA MET A 143 17.90 17.80 15.26
C MET A 143 18.31 16.33 15.38
N THR A 144 17.48 15.47 14.80
CA THR A 144 17.72 14.04 14.84
C THR A 144 19.06 13.65 14.22
N PHE A 145 19.40 14.28 13.10
CA PHE A 145 20.69 14.02 12.47
C PHE A 145 21.82 14.28 13.46
N PHE A 146 21.80 15.43 14.11
CA PHE A 146 22.85 15.78 15.06
C PHE A 146 22.85 14.82 16.23
N LYS A 147 21.68 14.47 16.72
CA LYS A 147 21.59 13.55 17.86
C LYS A 147 22.18 12.18 17.52
N LYS A 148 21.94 11.69 16.30
CA LYS A 148 22.45 10.38 15.91
C LYS A 148 23.88 10.39 15.38
N SER A 149 24.42 11.58 15.12
CA SER A 149 25.74 11.70 14.50
C SER A 149 26.89 11.13 15.34
N LYS A 150 27.88 10.58 14.63
CA LYS A 150 29.08 10.04 15.27
C LYS A 150 30.32 10.79 14.78
N ILE A 151 30.09 11.80 13.94
CA ILE A 151 31.17 12.67 13.49
C ILE A 151 31.48 13.64 14.63
N SER A 152 32.72 13.61 15.14
CA SER A 152 33.09 14.38 16.32
C SER A 152 32.59 15.82 16.32
N THR A 153 32.80 16.54 15.22
CA THR A 153 32.40 17.94 15.12
C THR A 153 30.88 18.16 15.23
N TYR A 154 30.07 17.19 14.79
CA TYR A 154 28.63 17.31 14.96
C TYR A 154 28.20 16.78 16.33
N GLU A 155 29.08 16.01 16.96
CA GLU A 155 28.83 15.51 18.31
C GLU A 155 28.98 16.66 19.29
N LYS A 156 29.93 17.53 18.99
CA LYS A 156 30.18 18.71 19.80
C LYS A 156 29.03 19.67 19.63
N MET A 157 28.57 19.83 18.39
CA MET A 157 27.46 20.73 18.09
C MET A 157 26.16 20.28 18.76
N TRP A 158 25.99 18.96 18.90
CA TRP A 158 24.78 18.41 19.52
C TRP A 158 24.76 18.64 21.03
N ALA A 159 25.84 18.27 21.70
CA ALA A 159 25.95 18.45 23.14
C ALA A 159 25.70 19.91 23.50
N PHE A 160 26.15 20.81 22.64
CA PHE A 160 25.96 22.24 22.83
C PHE A 160 24.50 22.65 22.68
N MET A 161 23.80 21.99 21.76
CA MET A 161 22.38 22.25 21.52
C MET A 161 21.54 21.69 22.66
N SER A 162 21.77 20.41 22.97
CA SER A 162 20.99 19.70 23.98
C SER A 162 21.20 20.17 25.42
N SER A 163 22.30 20.87 25.67
CA SER A 163 22.56 21.39 27.01
C SER A 163 21.86 22.74 27.11
N ARG A 164 22.07 23.56 26.09
CA ARG A 164 21.42 24.86 25.98
C ARG A 164 20.02 24.56 25.43
N GLN A 165 19.56 23.34 25.71
CA GLN A 165 18.28 22.80 25.22
C GLN A 165 17.14 23.81 25.16
N GLN A 166 16.72 24.29 26.34
CA GLN A 166 15.60 25.22 26.44
C GLN A 166 15.70 26.45 25.54
N SER A 167 16.91 26.87 25.21
CA SER A 167 17.10 28.09 24.44
C SER A 167 17.52 27.91 22.96
N ALA A 168 18.38 26.93 22.69
CA ALA A 168 18.89 26.72 21.33
C ALA A 168 17.93 25.97 20.39
N LEU A 169 17.13 25.07 20.95
CA LEU A 169 16.17 24.32 20.15
C LEU A 169 14.83 25.04 20.04
N VAL A 170 14.56 25.62 18.87
CA VAL A 170 13.32 26.36 18.64
C VAL A 170 12.13 25.43 18.41
N LYS A 171 10.93 25.99 18.29
CA LYS A 171 9.71 25.19 18.15
C LYS A 171 9.36 24.90 16.69
N ASN A 172 9.78 25.79 15.79
CA ASN A 172 9.51 25.64 14.36
C ASN A 172 10.36 26.59 13.53
N SER A 173 10.32 26.42 12.21
CA SER A 173 11.14 27.24 11.31
C SER A 173 10.88 28.73 11.44
N ASP A 174 9.61 29.11 11.56
CA ASP A 174 9.25 30.51 11.74
C ASP A 174 10.02 31.10 12.93
N GLU A 175 9.82 30.49 14.10
CA GLU A 175 10.53 30.90 15.31
C GLU A 175 12.05 30.98 15.12
N GLY A 176 12.64 29.93 14.53
CA GLY A 176 14.07 29.89 14.30
C GLY A 176 14.53 31.02 13.40
N ILE A 177 13.75 31.32 12.38
CA ILE A 177 14.06 32.42 11.45
C ILE A 177 13.96 33.76 12.17
N GLN A 178 12.97 33.86 13.07
CA GLN A 178 12.78 35.06 13.87
C GLN A 178 14.00 35.27 14.76
N ARG A 179 14.46 34.18 15.37
CA ARG A 179 15.63 34.17 16.25
C ARG A 179 16.90 34.60 15.54
N VAL A 180 17.00 34.29 14.26
CA VAL A 180 18.17 34.63 13.48
C VAL A 180 18.19 36.14 13.21
N LEU A 181 17.05 36.67 12.81
CA LEU A 181 16.93 38.09 12.48
C LEU A 181 17.03 39.01 13.70
N THR A 182 16.57 38.51 14.85
CA THR A 182 16.45 39.34 16.05
C THR A 182 17.52 39.14 17.12
N THR A 183 18.32 38.10 17.00
CA THR A 183 19.41 37.87 17.98
C THR A 183 20.65 37.34 17.27
N ASP A 184 21.66 37.00 18.06
CA ASP A 184 22.87 36.39 17.53
C ASP A 184 22.67 34.87 17.62
N TYR A 185 22.14 34.29 16.55
CA TYR A 185 21.75 32.88 16.50
C TYR A 185 21.85 32.34 15.08
N ALA A 186 22.19 31.07 14.95
CA ALA A 186 22.26 30.41 13.64
C ALA A 186 21.36 29.19 13.62
N LEU A 187 20.52 29.09 12.59
CA LEU A 187 19.59 27.99 12.50
C LEU A 187 20.10 26.93 11.52
N LEU A 188 20.16 25.70 11.98
CA LEU A 188 20.51 24.55 11.14
C LEU A 188 19.21 23.99 10.57
N MET A 189 19.09 24.04 9.25
N MET A 189 19.11 23.95 9.24
CA MET A 189 17.86 23.65 8.58
CA MET A 189 17.91 23.42 8.61
C MET A 189 18.16 23.08 7.17
C MET A 189 18.18 23.01 7.16
N GLU A 190 17.16 22.49 6.53
N GLU A 190 17.22 22.33 6.54
CA GLU A 190 17.36 21.96 5.19
CA GLU A 190 17.40 21.86 5.16
C GLU A 190 17.75 23.05 4.19
C GLU A 190 17.74 23.01 4.21
N SER A 191 18.75 22.77 3.37
CA SER A 191 19.21 23.75 2.41
C SER A 191 18.10 24.36 1.53
N THR A 192 17.14 23.54 1.11
CA THR A 192 16.00 24.00 0.30
C THR A 192 15.24 25.13 1.00
N SER A 193 14.93 24.92 2.27
CA SER A 193 14.24 25.93 3.06
C SER A 193 15.07 27.20 3.20
N ILE A 194 16.38 27.06 3.44
CA ILE A 194 17.27 28.20 3.56
C ILE A 194 17.31 29.03 2.29
N GLU A 195 17.42 28.39 1.14
CA GLU A 195 17.45 29.12 -0.12
C GLU A 195 16.18 29.93 -0.28
N TYR A 196 15.07 29.32 0.13
CA TYR A 196 13.75 29.94 0.04
C TYR A 196 13.68 31.19 0.88
N VAL A 197 14.25 31.13 2.08
CA VAL A 197 14.22 32.29 2.98
C VAL A 197 15.21 33.37 2.54
N THR A 198 16.42 32.96 2.16
CA THR A 198 17.43 33.93 1.77
C THR A 198 17.00 34.73 0.54
N GLN A 199 16.27 34.09 -0.36
CA GLN A 199 15.75 34.80 -1.53
C GLN A 199 14.80 35.93 -1.14
N ARG A 200 14.17 35.80 0.03
CA ARG A 200 13.13 36.73 0.49
C ARG A 200 13.56 37.63 1.63
N ASN A 201 14.75 37.36 2.17
CA ASN A 201 15.26 38.10 3.29
C ASN A 201 16.72 38.44 2.99
N CYS A 202 16.95 39.64 2.49
CA CYS A 202 18.30 40.05 2.08
C CYS A 202 19.25 40.25 3.26
N ASN A 203 18.73 40.18 4.48
CA ASN A 203 19.55 40.31 5.67
C ASN A 203 20.11 38.95 6.11
N LEU A 204 19.58 37.88 5.50
CA LEU A 204 19.96 36.52 5.86
C LEU A 204 20.72 35.80 4.74
N THR A 205 21.61 34.89 5.12
CA THR A 205 22.39 34.16 4.12
C THR A 205 22.70 32.72 4.56
N GLN A 206 23.10 31.89 3.59
CA GLN A 206 23.50 30.52 3.88
C GLN A 206 24.98 30.48 4.25
N ILE A 207 25.31 29.74 5.31
CA ILE A 207 26.70 29.60 5.74
C ILE A 207 27.27 28.22 5.44
N GLY A 208 28.39 28.19 4.72
CA GLY A 208 29.07 26.96 4.42
C GLY A 208 28.36 26.14 3.38
N GLY A 209 28.68 24.85 3.32
CA GLY A 209 28.09 23.94 2.36
C GLY A 209 27.02 23.06 2.98
N LEU A 210 26.87 21.86 2.43
CA LEU A 210 25.87 20.92 2.91
C LEU A 210 26.45 19.99 3.97
N ILE A 211 25.71 19.79 5.04
CA ILE A 211 26.21 19.01 6.18
C ILE A 211 25.93 17.51 6.03
N ASP A 212 24.83 17.17 5.38
CA ASP A 212 24.52 15.80 5.04
C ASP A 212 23.97 15.81 3.60
N SER A 213 23.48 14.69 3.10
CA SER A 213 22.92 14.65 1.74
C SER A 213 21.74 13.71 1.65
N LYS A 214 20.68 14.14 0.99
CA LYS A 214 19.51 13.31 0.82
C LYS A 214 18.70 13.91 -0.34
N GLY A 215 17.73 13.17 -0.85
CA GLY A 215 16.91 13.67 -1.93
C GLY A 215 15.44 13.45 -1.69
N TYR A 216 14.63 14.26 -2.37
CA TYR A 216 13.20 14.09 -2.41
C TYR A 216 12.89 13.25 -3.65
N GLY A 217 12.07 12.21 -3.52
CA GLY A 217 11.68 11.36 -4.65
C GLY A 217 10.18 11.15 -4.67
N VAL A 218 9.66 10.69 -5.80
CA VAL A 218 8.24 10.42 -5.90
C VAL A 218 8.03 9.03 -5.30
N GLY A 219 7.11 8.91 -4.35
CA GLY A 219 6.87 7.59 -3.73
C GLY A 219 5.81 6.79 -4.47
N THR A 220 5.97 5.45 -4.47
CA THR A 220 4.98 4.59 -5.05
C THR A 220 4.88 3.37 -4.14
N PRO A 221 3.80 2.60 -4.30
CA PRO A 221 3.81 1.32 -3.62
C PRO A 221 4.92 0.42 -4.15
N ILE A 222 5.35 -0.55 -3.34
CA ILE A 222 6.38 -1.50 -3.77
C ILE A 222 5.91 -2.23 -5.01
N GLY A 223 6.77 -2.26 -6.04
CA GLY A 223 6.39 -2.96 -7.27
C GLY A 223 5.70 -2.12 -8.32
N SER A 224 5.39 -0.86 -8.01
CA SER A 224 4.69 0.00 -8.96
C SER A 224 5.41 0.11 -10.31
N PRO A 225 4.68 -0.08 -11.42
CA PRO A 225 5.24 0.05 -12.74
C PRO A 225 5.51 1.49 -13.13
N TYR A 226 5.12 2.45 -12.28
CA TYR A 226 5.38 3.86 -12.59
C TYR A 226 6.71 4.41 -12.08
N ARG A 227 7.31 3.73 -11.11
CA ARG A 227 8.54 4.26 -10.46
C ARG A 227 9.66 4.50 -11.46
N ASP A 228 9.99 3.49 -12.27
CA ASP A 228 11.12 3.67 -13.20
C ASP A 228 10.78 4.66 -14.30
N LYS A 229 9.52 4.65 -14.74
CA LYS A 229 9.06 5.63 -15.72
C LYS A 229 9.21 7.05 -15.19
N ILE A 230 8.87 7.26 -13.91
CA ILE A 230 9.04 8.58 -13.30
C ILE A 230 10.52 8.97 -13.16
N THR A 231 11.38 8.04 -12.76
CA THR A 231 12.81 8.33 -12.79
C THR A 231 13.26 8.82 -14.19
N ILE A 232 12.85 8.10 -15.23
N ILE A 232 12.85 8.13 -15.25
CA ILE A 232 13.17 8.48 -16.62
CA ILE A 232 13.28 8.53 -16.60
C ILE A 232 12.75 9.91 -16.90
C ILE A 232 12.70 9.89 -17.05
N ALA A 233 11.48 10.21 -16.61
CA ALA A 233 10.91 11.55 -16.84
C ALA A 233 11.69 12.63 -16.05
N ILE A 234 12.01 12.31 -14.81
CA ILE A 234 12.84 13.23 -13.97
C ILE A 234 14.19 13.54 -14.61
N LEU A 235 14.89 12.51 -15.06
CA LEU A 235 16.19 12.72 -15.73
C LEU A 235 16.06 13.60 -17.00
N GLN A 236 14.99 13.38 -17.78
N GLN A 236 15.00 13.36 -17.78
CA GLN A 236 14.72 14.19 -18.97
CA GLN A 236 14.71 14.19 -18.95
C GLN A 236 14.52 15.65 -18.60
C GLN A 236 14.60 15.64 -18.53
N LEU A 237 13.70 15.88 -17.58
CA LEU A 237 13.42 17.22 -17.07
C LEU A 237 14.67 17.88 -16.53
N GLN A 238 15.51 17.13 -15.84
N GLN A 238 15.50 17.08 -15.85
CA GLN A 238 16.74 17.71 -15.35
CA GLN A 238 16.80 17.47 -15.27
C GLN A 238 17.61 18.08 -16.54
C GLN A 238 17.76 17.93 -16.37
N GLU A 239 17.90 17.11 -17.40
CA GLU A 239 18.83 17.36 -18.49
C GLU A 239 18.39 18.48 -19.43
N GLU A 240 17.08 18.66 -19.56
N GLU A 240 17.09 18.69 -19.53
CA GLU A 240 16.56 19.71 -20.42
CA GLU A 240 16.60 19.72 -20.43
C GLU A 240 16.34 21.04 -19.68
C GLU A 240 16.59 21.10 -19.77
N GLY A 241 16.94 21.15 -18.49
CA GLY A 241 16.91 22.38 -17.72
C GLY A 241 15.56 22.75 -17.12
N LYS A 242 14.57 21.86 -17.23
CA LYS A 242 13.23 22.16 -16.72
C LYS A 242 13.09 22.15 -15.20
N LEU A 243 13.78 21.23 -14.53
CA LEU A 243 13.80 21.23 -13.06
C LEU A 243 14.42 22.54 -12.55
N HIS A 244 15.44 23.01 -13.25
CA HIS A 244 16.10 24.27 -12.86
C HIS A 244 15.11 25.43 -12.94
N MET A 245 14.38 25.50 -14.04
CA MET A 245 13.44 26.62 -14.21
C MET A 245 12.25 26.49 -13.25
N MET A 246 11.81 25.26 -12.98
N MET A 246 11.87 25.25 -12.96
CA MET A 246 10.72 25.10 -12.02
CA MET A 246 10.79 25.00 -12.05
C MET A 246 11.17 25.51 -10.62
C MET A 246 11.17 25.49 -10.66
N LYS A 247 12.41 25.21 -10.26
CA LYS A 247 12.88 25.63 -8.95
C LYS A 247 13.00 27.16 -8.91
N GLU A 248 13.53 27.77 -9.95
N GLU A 248 13.53 27.76 -9.97
CA GLU A 248 13.66 29.23 -9.99
CA GLU A 248 13.66 29.23 -10.02
C GLU A 248 12.30 29.93 -9.91
C GLU A 248 12.30 29.91 -9.90
N LYS A 249 11.31 29.39 -10.62
CA LYS A 249 9.94 29.91 -10.58
C LYS A 249 9.44 30.06 -9.16
N TRP A 250 9.61 29.02 -8.34
CA TRP A 250 9.08 29.06 -6.99
C TRP A 250 10.04 29.60 -5.94
N TRP A 251 11.35 29.49 -6.18
CA TRP A 251 12.30 29.97 -5.20
C TRP A 251 12.72 31.44 -5.34
N ARG A 252 12.78 31.95 -6.57
CA ARG A 252 13.30 33.33 -6.78
C ARG A 252 12.52 34.38 -6.00
N GLY A 253 13.25 35.28 -5.33
CA GLY A 253 12.64 36.32 -4.52
C GLY A 253 12.66 37.69 -5.17
N ASN A 254 12.31 38.71 -4.39
CA ASN A 254 12.26 40.09 -4.91
C ASN A 254 13.63 40.69 -5.21
N ARG B 4 5.59 -17.69 22.17
CA ARG B 4 5.32 -18.64 21.04
C ARG B 4 5.07 -17.90 19.73
N THR B 5 5.95 -18.10 18.77
CA THR B 5 5.74 -17.56 17.44
C THR B 5 4.87 -18.54 16.68
N LEU B 6 3.72 -18.07 16.25
CA LEU B 6 2.76 -18.92 15.57
C LEU B 6 3.20 -19.21 14.15
N ILE B 7 3.12 -20.47 13.76
CA ILE B 7 3.41 -20.86 12.39
C ILE B 7 2.10 -20.79 11.61
N VAL B 8 2.11 -20.01 10.53
CA VAL B 8 0.88 -19.79 9.75
C VAL B 8 1.04 -20.47 8.42
N THR B 9 0.17 -21.42 8.11
CA THR B 9 0.25 -22.05 6.82
C THR B 9 -0.66 -21.27 5.89
N THR B 10 -0.24 -21.15 4.64
CA THR B 10 -1.05 -20.43 3.68
C THR B 10 -0.70 -20.93 2.29
N ILE B 11 -1.28 -20.33 1.26
CA ILE B 11 -1.11 -20.85 -0.08
C ILE B 11 -1.06 -19.69 -1.08
N LEU B 12 -0.23 -19.79 -2.13
CA LEU B 12 -0.16 -18.72 -3.13
C LEU B 12 -1.47 -18.69 -3.88
N GLU B 13 -2.12 -17.53 -3.89
CA GLU B 13 -3.40 -17.42 -4.58
C GLU B 13 -3.73 -15.95 -4.68
N GLU B 14 -3.75 -15.41 -5.90
CA GLU B 14 -4.02 -13.99 -6.09
C GLU B 14 -5.49 -13.64 -5.84
N PRO B 15 -5.78 -12.53 -5.15
CA PRO B 15 -4.91 -11.54 -4.51
C PRO B 15 -4.74 -11.79 -3.01
N TYR B 16 -4.99 -13.01 -2.54
CA TYR B 16 -4.89 -13.30 -1.11
C TYR B 16 -3.44 -13.36 -0.63
N VAL B 17 -2.60 -14.04 -1.40
CA VAL B 17 -1.20 -14.26 -0.99
C VAL B 17 -0.35 -14.31 -2.24
N MET B 18 0.60 -13.39 -2.35
N MET B 18 0.64 -13.43 -2.30
CA MET B 18 1.51 -13.32 -3.50
CA MET B 18 1.51 -13.29 -3.47
C MET B 18 2.89 -12.92 -3.00
C MET B 18 2.89 -12.88 -3.02
N TYR B 19 3.92 -13.27 -3.79
CA TYR B 19 5.25 -12.80 -3.51
C TYR B 19 5.25 -11.34 -3.94
N ARG B 20 5.92 -10.51 -3.16
N ARG B 20 5.86 -10.46 -3.15
CA ARG B 20 6.08 -9.09 -3.50
CA ARG B 20 5.87 -9.02 -3.52
C ARG B 20 6.76 -8.99 -4.84
C ARG B 20 6.81 -8.83 -4.67
N LYS B 21 6.44 -7.96 -5.61
CA LYS B 21 7.19 -7.72 -6.83
C LYS B 21 8.38 -6.83 -6.48
N SER B 22 9.37 -7.41 -5.83
CA SER B 22 10.54 -6.64 -5.39
C SER B 22 11.78 -7.50 -5.25
N ASP B 23 12.94 -6.91 -5.58
CA ASP B 23 14.22 -7.57 -5.34
C ASP B 23 14.92 -6.94 -4.16
N LYS B 24 14.18 -6.13 -3.39
CA LYS B 24 14.72 -5.58 -2.15
C LYS B 24 15.00 -6.71 -1.17
N PRO B 25 15.85 -6.46 -0.17
CA PRO B 25 16.18 -7.49 0.83
C PRO B 25 14.99 -7.62 1.75
N LEU B 26 14.10 -8.53 1.41
CA LEU B 26 12.90 -8.80 2.21
C LEU B 26 13.04 -10.23 2.70
N TYR B 27 12.83 -10.47 3.99
CA TYR B 27 12.95 -11.82 4.52
C TYR B 27 11.67 -12.20 5.26
N GLY B 28 11.53 -13.49 5.52
CA GLY B 28 10.39 -13.96 6.30
C GLY B 28 9.07 -13.46 5.76
N ASN B 29 8.23 -12.91 6.65
CA ASN B 29 6.89 -12.51 6.27
C ASN B 29 6.87 -11.39 5.24
N ASP B 30 7.99 -10.66 5.17
CA ASP B 30 8.09 -9.45 4.32
C ASP B 30 8.17 -9.79 2.83
N ARG B 31 8.38 -11.06 2.54
CA ARG B 31 8.48 -11.56 1.17
C ARG B 31 7.12 -11.64 0.49
N PHE B 32 6.06 -11.56 1.29
CA PHE B 32 4.71 -11.73 0.78
C PHE B 32 3.85 -10.48 0.95
N GLU B 33 2.78 -10.43 0.17
CA GLU B 33 1.76 -9.38 0.29
C GLU B 33 0.41 -9.97 -0.14
N GLY B 34 -0.68 -9.24 0.12
CA GLY B 34 -2.00 -9.71 -0.28
C GLY B 34 -3.02 -9.55 0.83
N TYR B 35 -4.28 -9.83 0.50
CA TYR B 35 -5.38 -9.70 1.46
C TYR B 35 -5.11 -10.45 2.75
N CYS B 36 -4.64 -11.69 2.63
CA CYS B 36 -4.47 -12.54 3.82
C CYS B 36 -3.29 -12.06 4.66
N LEU B 37 -2.31 -11.46 3.99
CA LEU B 37 -1.17 -10.91 4.71
C LEU B 37 -1.60 -9.70 5.52
N ASP B 38 -2.45 -8.85 4.94
CA ASP B 38 -2.98 -7.68 5.66
C ASP B 38 -3.89 -8.12 6.82
N LEU B 39 -4.70 -9.14 6.57
CA LEU B 39 -5.56 -9.68 7.63
C LEU B 39 -4.72 -10.17 8.78
N LEU B 40 -3.69 -10.96 8.46
CA LEU B 40 -2.80 -11.51 9.45
C LEU B 40 -2.12 -10.43 10.29
N LYS B 41 -1.66 -9.37 9.64
N LYS B 41 -1.67 -9.36 9.64
CA LYS B 41 -1.07 -8.24 10.37
CA LYS B 41 -1.05 -8.26 10.37
C LYS B 41 -2.06 -7.66 11.36
C LYS B 41 -2.04 -7.62 11.35
N GLU B 42 -3.30 -7.45 10.92
CA GLU B 42 -4.34 -6.89 11.79
C GLU B 42 -4.65 -7.81 12.94
N LEU B 43 -4.68 -9.12 12.66
CA LEU B 43 -4.97 -10.11 13.69
C LEU B 43 -3.86 -10.09 14.73
N SER B 44 -2.61 -10.10 14.25
CA SER B 44 -1.44 -10.08 15.12
C SER B 44 -1.43 -8.86 16.02
N ASN B 45 -1.81 -7.69 15.50
CA ASN B 45 -1.87 -6.47 16.32
C ASN B 45 -3.01 -6.44 17.34
N ILE B 46 -4.14 -7.07 17.03
CA ILE B 46 -5.25 -7.13 17.99
C ILE B 46 -4.96 -8.14 19.10
N LEU B 47 -4.50 -9.32 18.72
CA LEU B 47 -4.27 -10.42 19.67
C LEU B 47 -2.91 -10.36 20.32
N GLY B 48 -1.94 -9.76 19.62
CA GLY B 48 -0.58 -9.64 20.12
C GLY B 48 0.24 -10.92 20.01
N PHE B 49 0.32 -11.48 18.81
CA PHE B 49 1.15 -12.65 18.60
C PHE B 49 2.18 -12.38 17.54
N LEU B 50 3.30 -13.10 17.62
CA LEU B 50 4.33 -13.04 16.59
C LEU B 50 4.00 -14.20 15.69
N TYR B 51 4.36 -14.12 14.42
CA TYR B 51 4.02 -15.21 13.52
C TYR B 51 5.05 -15.37 12.42
N ASP B 52 5.04 -16.52 11.78
N ASP B 52 5.09 -16.56 11.82
CA ASP B 52 5.95 -16.80 10.68
CA ASP B 52 5.98 -16.90 10.71
C ASP B 52 5.18 -17.53 9.60
C ASP B 52 5.15 -17.54 9.61
N VAL B 53 5.08 -16.91 8.44
CA VAL B 53 4.31 -17.45 7.35
C VAL B 53 5.08 -18.54 6.61
N LYS B 54 4.44 -19.68 6.43
N LYS B 54 4.44 -19.69 6.44
CA LYS B 54 5.03 -20.76 5.68
CA LYS B 54 5.03 -20.84 5.73
C LYS B 54 4.04 -21.24 4.64
C LYS B 54 4.10 -21.39 4.65
N LEU B 55 4.46 -21.24 3.38
CA LEU B 55 3.61 -21.75 2.31
C LEU B 55 3.46 -23.25 2.48
N VAL B 56 2.25 -23.77 2.27
CA VAL B 56 2.00 -25.20 2.45
C VAL B 56 2.86 -25.95 1.41
N PRO B 57 3.66 -26.93 1.85
CA PRO B 57 4.61 -27.62 0.98
C PRO B 57 3.99 -28.28 -0.23
N ASP B 58 2.82 -28.90 -0.08
CA ASP B 58 2.21 -29.58 -1.23
C ASP B 58 1.36 -28.68 -2.11
N GLY B 59 1.21 -27.42 -1.71
CA GLY B 59 0.42 -26.45 -2.48
C GLY B 59 -1.06 -26.76 -2.58
N LYS B 60 -1.62 -27.47 -1.62
N LYS B 60 -1.60 -27.50 -1.62
CA LYS B 60 -3.03 -27.81 -1.67
CA LYS B 60 -3.02 -27.90 -1.64
C LYS B 60 -3.80 -27.25 -0.50
C LYS B 60 -3.80 -27.25 -0.50
N TYR B 61 -5.10 -27.06 -0.69
CA TYR B 61 -5.98 -26.50 0.36
C TYR B 61 -6.23 -27.52 1.45
N GLY B 62 -6.67 -28.71 1.05
CA GLY B 62 -6.94 -29.71 2.04
C GLY B 62 -8.12 -30.58 1.71
N ALA B 63 -7.81 -31.80 1.29
CA ALA B 63 -8.79 -32.83 0.95
C ALA B 63 -8.37 -34.16 1.57
N GLN B 64 -9.36 -35.05 1.66
CA GLN B 64 -9.23 -36.36 2.29
C GLN B 64 -9.16 -37.49 1.25
N ASN B 65 -8.43 -38.57 1.56
CA ASN B 65 -8.46 -39.77 0.69
C ASN B 65 -9.27 -40.88 1.35
N ASP B 66 -9.52 -41.95 0.59
CA ASP B 66 -10.36 -43.05 1.06
C ASP B 66 -9.72 -43.85 2.19
N LYS B 67 -8.85 -43.18 2.95
CA LYS B 67 -8.13 -43.78 4.06
C LYS B 67 -8.26 -42.85 5.27
N GLY B 68 -8.89 -41.71 5.03
CA GLY B 68 -9.06 -40.70 6.08
C GLY B 68 -7.77 -39.92 6.24
N GLU B 69 -6.94 -39.93 5.20
CA GLU B 69 -5.69 -39.20 5.21
C GLU B 69 -5.86 -37.83 4.51
N TRP B 70 -5.40 -36.78 5.17
CA TRP B 70 -5.61 -35.43 4.65
C TRP B 70 -4.35 -34.89 4.02
N ASN B 71 -4.48 -33.89 3.17
CA ASN B 71 -3.34 -33.19 2.62
C ASN B 71 -3.46 -31.67 2.85
N GLY B 72 -2.61 -30.88 2.20
CA GLY B 72 -2.76 -29.42 2.21
C GLY B 72 -2.61 -28.72 3.54
N MET B 73 -3.14 -27.49 3.62
CA MET B 73 -3.13 -26.74 4.88
C MET B 73 -3.85 -27.47 6.02
N VAL B 74 -4.93 -28.19 5.71
CA VAL B 74 -5.66 -28.93 6.73
C VAL B 74 -4.72 -29.94 7.41
N LYS B 75 -3.93 -30.67 6.62
N LYS B 75 -3.93 -30.68 6.62
CA LYS B 75 -3.00 -31.66 7.17
CA LYS B 75 -2.97 -31.64 7.15
C LYS B 75 -1.90 -31.01 8.02
C LYS B 75 -1.95 -30.98 8.05
N GLU B 76 -1.46 -29.80 7.65
CA GLU B 76 -0.48 -29.09 8.47
C GLU B 76 -1.04 -28.78 9.84
N LEU B 77 -2.32 -28.40 9.91
CA LEU B 77 -2.94 -28.10 11.21
C LEU B 77 -3.12 -29.39 12.05
N ILE B 78 -3.66 -30.42 11.41
CA ILE B 78 -3.85 -31.76 12.07
C ILE B 78 -2.54 -32.24 12.69
N ASP B 79 -1.43 -32.06 11.97
CA ASP B 79 -0.11 -32.50 12.43
C ASP B 79 0.56 -31.52 13.39
N HIS B 80 -0.09 -30.40 13.69
CA HIS B 80 0.49 -29.42 14.59
C HIS B 80 1.76 -28.80 14.00
N ARG B 81 1.90 -28.80 12.68
N ARG B 81 1.83 -28.80 12.67
CA ARG B 81 3.04 -28.11 12.09
CA ARG B 81 2.93 -28.21 11.90
C ARG B 81 2.71 -26.64 11.84
C ARG B 81 2.61 -26.75 11.53
N ALA B 82 1.44 -26.28 11.94
CA ALA B 82 1.01 -24.88 11.76
C ALA B 82 0.05 -24.62 12.88
N ASP B 83 0.07 -23.41 13.40
CA ASP B 83 -0.88 -22.99 14.42
C ASP B 83 -2.18 -22.41 13.80
N LEU B 84 -2.05 -21.73 12.66
CA LEU B 84 -3.19 -21.15 11.99
C LEU B 84 -3.10 -21.38 10.49
N ALA B 85 -4.22 -21.44 9.80
CA ALA B 85 -4.22 -21.40 8.33
C ALA B 85 -4.96 -20.13 7.99
N VAL B 86 -4.31 -19.23 7.27
CA VAL B 86 -4.95 -17.95 6.91
C VAL B 86 -4.86 -17.89 5.40
N ALA B 87 -5.99 -18.14 4.75
CA ALA B 87 -6.04 -18.33 3.32
C ALA B 87 -7.52 -18.34 2.92
N PRO B 88 -7.81 -18.33 1.59
CA PRO B 88 -9.19 -18.48 1.14
C PRO B 88 -9.62 -19.92 1.32
N LEU B 89 -9.80 -20.30 2.59
CA LEU B 89 -10.08 -21.67 2.98
C LEU B 89 -11.53 -21.80 3.45
N THR B 90 -12.33 -22.53 2.69
CA THR B 90 -13.76 -22.65 2.98
C THR B 90 -14.06 -23.49 4.21
N ILE B 91 -14.94 -22.96 5.04
CA ILE B 91 -15.43 -23.63 6.25
C ILE B 91 -16.42 -24.68 5.78
N THR B 92 -16.09 -25.96 6.00
CA THR B 92 -16.98 -27.04 5.56
C THR B 92 -17.21 -28.07 6.64
N TYR B 93 -18.32 -28.79 6.49
CA TYR B 93 -18.70 -29.85 7.41
C TYR B 93 -17.57 -30.87 7.60
N VAL B 94 -17.01 -31.39 6.51
N VAL B 94 -17.02 -31.36 6.50
CA VAL B 94 -15.98 -32.44 6.64
CA VAL B 94 -15.99 -32.41 6.56
C VAL B 94 -14.70 -31.93 7.31
C VAL B 94 -14.69 -31.95 7.24
N ARG B 95 -14.31 -30.69 6.97
CA ARG B 95 -13.12 -30.12 7.58
C ARG B 95 -13.28 -29.85 9.09
N GLU B 96 -14.48 -29.42 9.50
CA GLU B 96 -14.78 -29.18 10.93
C GLU B 96 -14.70 -30.45 11.80
N LYS B 97 -14.67 -31.62 11.14
N LYS B 97 -14.65 -31.63 11.16
CA LYS B 97 -14.50 -32.89 11.84
CA LYS B 97 -14.48 -32.86 11.93
C LYS B 97 -13.06 -33.03 12.36
C LYS B 97 -13.04 -33.00 12.41
N VAL B 98 -12.13 -32.35 11.69
CA VAL B 98 -10.68 -32.52 11.96
C VAL B 98 -9.89 -31.26 12.36
N ILE B 99 -10.45 -30.08 12.06
CA ILE B 99 -9.85 -28.82 12.50
C ILE B 99 -10.98 -27.87 12.98
N ASP B 100 -10.60 -26.78 13.65
CA ASP B 100 -11.58 -25.77 14.06
C ASP B 100 -11.42 -24.58 13.08
N PHE B 101 -12.39 -23.68 13.05
CA PHE B 101 -12.33 -22.49 12.19
C PHE B 101 -12.88 -21.31 12.97
N SER B 102 -12.30 -20.12 12.77
CA SER B 102 -12.92 -18.90 13.23
C SER B 102 -14.20 -18.70 12.42
N LYS B 103 -15.04 -17.76 12.86
CA LYS B 103 -16.17 -17.36 12.05
C LYS B 103 -15.61 -16.70 10.82
N PRO B 104 -16.40 -16.64 9.74
CA PRO B 104 -15.85 -16.18 8.45
C PRO B 104 -15.36 -14.71 8.40
N PHE B 105 -14.23 -14.46 7.74
CA PHE B 105 -13.78 -13.09 7.50
C PHE B 105 -14.30 -12.64 6.12
N MET B 106 -14.75 -13.58 5.32
N MET B 106 -14.84 -13.60 5.37
CA MET B 106 -15.25 -13.24 4.00
CA MET B 106 -15.43 -13.36 4.05
C MET B 106 -16.26 -14.29 3.60
C MET B 106 -16.63 -14.29 3.86
N THR B 107 -17.46 -13.83 3.23
N THR B 107 -17.68 -13.81 3.20
CA THR B 107 -18.51 -14.74 2.79
CA THR B 107 -18.82 -14.69 2.87
C THR B 107 -18.67 -14.63 1.28
C THR B 107 -19.15 -14.56 1.39
N LEU B 108 -19.18 -15.71 0.69
CA LEU B 108 -19.31 -15.77 -0.77
C LEU B 108 -20.26 -16.85 -1.24
N GLY B 109 -20.34 -17.03 -2.55
CA GLY B 109 -21.20 -18.07 -3.10
C GLY B 109 -20.98 -18.16 -4.59
N ILE B 110 -21.43 -19.25 -5.20
CA ILE B 110 -21.31 -19.44 -6.63
C ILE B 110 -22.13 -18.41 -7.35
N SER B 111 -21.58 -17.82 -8.40
CA SER B 111 -22.31 -16.85 -9.19
C SER B 111 -21.99 -16.98 -10.69
N ILE B 112 -22.49 -16.05 -11.48
CA ILE B 112 -22.38 -16.13 -12.93
C ILE B 112 -21.55 -15.01 -13.55
N LEU B 113 -20.54 -15.41 -14.32
CA LEU B 113 -19.70 -14.47 -15.06
C LEU B 113 -20.10 -14.44 -16.54
N TYR B 114 -20.55 -13.29 -17.02
CA TYR B 114 -21.04 -13.15 -18.39
C TYR B 114 -20.86 -11.72 -18.91
N ARG B 115 -21.15 -11.50 -20.20
CA ARG B 115 -21.03 -10.18 -20.80
C ARG B 115 -22.15 -9.24 -20.33
N LYS B 116 -21.87 -7.93 -20.43
CA LYS B 116 -22.87 -6.91 -20.14
C LYS B 116 -23.80 -6.77 -21.32
N GLY B 117 -24.91 -6.06 -21.11
CA GLY B 117 -25.87 -5.76 -22.18
C GLY B 117 -26.66 -6.93 -22.73
N THR B 118 -26.89 -7.94 -21.89
CA THR B 118 -27.65 -9.12 -22.29
C THR B 118 -28.83 -9.34 -21.35
N PRO B 119 -30.00 -9.72 -21.89
CA PRO B 119 -31.23 -9.96 -21.13
C PRO B 119 -31.11 -11.01 -20.03
N ILE B 120 -29.94 -11.66 -19.93
CA ILE B 120 -29.71 -12.69 -18.92
C ILE B 120 -29.60 -12.05 -17.54
N ASP B 121 -30.33 -12.60 -16.56
CA ASP B 121 -30.38 -11.98 -15.25
C ASP B 121 -30.21 -12.96 -14.08
N SER B 122 -30.18 -14.26 -14.38
CA SER B 122 -30.04 -15.27 -13.34
C SER B 122 -29.67 -16.64 -13.90
N ALA B 123 -29.59 -17.63 -13.01
CA ALA B 123 -29.31 -19.00 -13.41
C ALA B 123 -30.52 -19.58 -14.13
N ASP B 124 -31.70 -19.11 -13.74
CA ASP B 124 -32.96 -19.55 -14.35
C ASP B 124 -33.03 -19.13 -15.81
N ASP B 125 -32.44 -17.97 -16.13
CA ASP B 125 -32.41 -17.48 -17.50
C ASP B 125 -31.45 -18.30 -18.36
N LEU B 126 -30.55 -19.03 -17.71
CA LEU B 126 -29.62 -19.89 -18.42
C LEU B 126 -30.17 -21.31 -18.56
N ALA B 127 -30.69 -21.82 -17.44
CA ALA B 127 -31.17 -23.20 -17.37
C ALA B 127 -32.21 -23.57 -18.42
N LYS B 128 -33.17 -22.68 -18.66
CA LYS B 128 -34.27 -22.95 -19.59
C LYS B 128 -33.90 -22.84 -21.07
N GLN B 129 -32.78 -22.20 -21.36
CA GLN B 129 -32.33 -22.03 -22.76
C GLN B 129 -31.08 -22.86 -23.04
N THR B 130 -30.70 -22.94 -24.31
CA THR B 130 -29.52 -23.72 -24.70
C THR B 130 -28.63 -23.03 -25.73
N LYS B 131 -29.09 -21.85 -26.20
CA LYS B 131 -28.34 -21.08 -27.19
C LYS B 131 -27.01 -20.60 -26.61
N ILE B 132 -27.02 -20.29 -25.32
CA ILE B 132 -25.85 -19.81 -24.62
C ILE B 132 -25.29 -20.92 -23.74
N GLU B 133 -23.95 -21.40 -24.14
CA GLU B 133 -23.40 -22.42 -23.25
C GLU B 133 -23.06 -21.86 -21.88
N TYR B 134 -22.92 -22.76 -20.91
CA TYR B 134 -22.54 -22.40 -19.55
C TYR B 134 -22.00 -23.63 -18.83
N GLY B 135 -21.04 -23.42 -17.95
CA GLY B 135 -20.43 -24.52 -17.20
C GLY B 135 -19.56 -24.03 -16.08
N ALA B 136 -18.59 -24.86 -15.69
CA ALA B 136 -17.71 -24.56 -14.59
C ALA B 136 -16.38 -25.26 -14.83
N VAL B 137 -15.38 -24.89 -14.05
CA VAL B 137 -14.07 -25.54 -14.11
C VAL B 137 -14.28 -27.00 -13.73
N ARG B 138 -13.75 -27.91 -14.55
CA ARG B 138 -13.95 -29.33 -14.29
C ARG B 138 -13.36 -29.77 -12.96
N ASP B 139 -14.16 -30.46 -12.16
CA ASP B 139 -13.71 -31.06 -10.91
C ASP B 139 -13.43 -30.04 -9.79
N GLY B 140 -13.82 -28.78 -10.04
CA GLY B 140 -13.67 -27.73 -9.05
C GLY B 140 -14.83 -27.74 -8.07
N SER B 141 -14.72 -26.94 -7.02
CA SER B 141 -15.76 -26.89 -6.02
C SER B 141 -17.12 -26.57 -6.62
N THR B 142 -17.16 -25.73 -7.66
CA THR B 142 -18.42 -25.33 -8.27
C THR B 142 -19.11 -26.47 -9.04
N MET B 143 -18.32 -27.22 -9.81
CA MET B 143 -18.86 -28.36 -10.54
C MET B 143 -19.54 -29.32 -9.57
N THR B 144 -18.84 -29.63 -8.48
CA THR B 144 -19.32 -30.56 -7.47
C THR B 144 -20.64 -30.12 -6.83
N PHE B 145 -20.77 -28.82 -6.57
CA PHE B 145 -22.03 -28.31 -6.05
C PHE B 145 -23.17 -28.71 -6.99
N PHE B 146 -23.00 -28.40 -8.27
CA PHE B 146 -24.02 -28.73 -9.25
C PHE B 146 -24.25 -30.22 -9.32
N LYS B 147 -23.18 -31.00 -9.28
CA LYS B 147 -23.29 -32.46 -9.36
C LYS B 147 -24.05 -33.06 -8.15
N LYS B 148 -23.88 -32.47 -6.98
CA LYS B 148 -24.56 -32.97 -5.77
C LYS B 148 -25.94 -32.35 -5.53
N SER B 149 -26.28 -31.30 -6.27
CA SER B 149 -27.52 -30.55 -6.00
C SER B 149 -28.80 -31.33 -6.29
N LYS B 150 -29.82 -31.08 -5.47
CA LYS B 150 -31.14 -31.68 -5.67
C LYS B 150 -32.16 -30.60 -6.02
N ILE B 151 -31.70 -29.35 -6.09
CA ILE B 151 -32.56 -28.24 -6.49
C ILE B 151 -32.78 -28.36 -8.00
N SER B 152 -33.99 -28.72 -8.39
CA SER B 152 -34.31 -29.03 -9.81
C SER B 152 -33.63 -28.13 -10.84
N THR B 153 -33.71 -26.82 -10.64
CA THR B 153 -33.10 -25.89 -11.57
C THR B 153 -31.58 -26.09 -11.73
N TYR B 154 -30.90 -26.47 -10.65
CA TYR B 154 -29.46 -26.76 -10.74
C TYR B 154 -29.20 -28.19 -11.22
N GLU B 155 -30.22 -29.04 -11.14
CA GLU B 155 -30.14 -30.40 -11.69
C GLU B 155 -30.22 -30.34 -13.20
N LYS B 156 -31.03 -29.39 -13.68
CA LYS B 156 -31.18 -29.15 -15.09
C LYS B 156 -29.86 -28.58 -15.62
N MET B 157 -29.29 -27.64 -14.88
CA MET B 157 -28.02 -27.03 -15.30
C MET B 157 -26.88 -28.05 -15.31
N TRP B 158 -26.88 -28.97 -14.35
CA TRP B 158 -25.85 -30.00 -14.30
C TRP B 158 -25.94 -30.97 -15.47
N ALA B 159 -27.15 -31.42 -15.77
CA ALA B 159 -27.36 -32.34 -16.88
C ALA B 159 -26.86 -31.70 -18.17
N PHE B 160 -27.09 -30.39 -18.30
CA PHE B 160 -26.64 -29.64 -19.48
C PHE B 160 -25.11 -29.52 -19.53
N MET B 161 -24.48 -29.43 -18.36
CA MET B 161 -23.03 -29.32 -18.28
C MET B 161 -22.35 -30.66 -18.48
N SER B 162 -22.90 -31.70 -17.86
CA SER B 162 -22.32 -33.04 -17.91
C SER B 162 -22.54 -33.76 -19.25
N SER B 163 -23.65 -33.44 -19.91
CA SER B 163 -23.94 -34.04 -21.22
C SER B 163 -23.11 -33.31 -22.26
N ARG B 164 -22.93 -32.02 -22.03
CA ARG B 164 -22.13 -31.17 -22.89
C ARG B 164 -20.74 -31.03 -22.25
N GLN B 165 -20.44 -31.95 -21.35
CA GLN B 165 -19.18 -31.98 -20.58
C GLN B 165 -17.94 -31.65 -21.42
N GLN B 166 -17.95 -32.12 -22.66
CA GLN B 166 -16.84 -31.92 -23.58
C GLN B 166 -16.39 -30.46 -23.69
N SER B 167 -17.35 -29.55 -23.84
CA SER B 167 -17.03 -28.13 -24.07
C SER B 167 -17.44 -27.23 -22.92
N ALA B 168 -18.50 -27.60 -22.20
CA ALA B 168 -19.03 -26.79 -21.11
C ALA B 168 -18.11 -26.73 -19.88
N LEU B 169 -17.48 -27.85 -19.55
CA LEU B 169 -16.56 -27.89 -18.42
C LEU B 169 -15.15 -27.58 -18.89
N VAL B 170 -14.56 -26.51 -18.36
CA VAL B 170 -13.23 -26.08 -18.75
C VAL B 170 -12.15 -26.64 -17.83
N LYS B 171 -10.88 -26.39 -18.16
CA LYS B 171 -9.75 -26.93 -17.43
C LYS B 171 -9.38 -26.09 -16.19
N ASN B 172 -9.56 -24.79 -16.31
CA ASN B 172 -9.28 -23.85 -15.22
C ASN B 172 -10.01 -22.53 -15.41
N SER B 173 -9.93 -21.67 -14.40
CA SER B 173 -10.61 -20.37 -14.46
C SER B 173 -10.06 -19.47 -15.56
N ASP B 174 -8.76 -19.56 -15.80
CA ASP B 174 -8.12 -18.78 -16.85
C ASP B 174 -8.81 -19.11 -18.17
N GLU B 175 -8.90 -20.40 -18.48
CA GLU B 175 -9.59 -20.88 -19.68
C GLU B 175 -11.05 -20.44 -19.72
N GLY B 176 -11.76 -20.67 -18.61
CA GLY B 176 -13.16 -20.30 -18.53
C GLY B 176 -13.40 -18.82 -18.82
N ILE B 177 -12.54 -17.97 -18.27
CA ILE B 177 -12.65 -16.53 -18.50
C ILE B 177 -12.41 -16.22 -19.98
N GLN B 178 -11.40 -16.88 -20.55
CA GLN B 178 -11.08 -16.73 -21.97
C GLN B 178 -12.29 -17.13 -22.83
N ARG B 179 -12.96 -18.21 -22.40
CA ARG B 179 -14.14 -18.73 -23.08
C ARG B 179 -15.30 -17.73 -23.03
N VAL B 180 -15.43 -17.05 -21.90
CA VAL B 180 -16.49 -16.06 -21.72
C VAL B 180 -16.25 -14.89 -22.67
N LEU B 181 -14.99 -14.51 -22.84
CA LEU B 181 -14.61 -13.38 -23.68
C LEU B 181 -14.70 -13.65 -25.18
N THR B 182 -14.40 -14.89 -25.57
CA THR B 182 -14.29 -15.22 -26.98
C THR B 182 -15.51 -15.90 -27.62
N THR B 183 -16.43 -16.40 -26.79
CA THR B 183 -17.63 -17.06 -27.30
C THR B 183 -18.89 -16.63 -26.54
N ASP B 184 -20.02 -17.24 -26.87
CA ASP B 184 -21.27 -16.99 -26.18
C ASP B 184 -21.38 -18.02 -25.05
N TYR B 185 -20.68 -17.73 -23.95
CA TYR B 185 -20.53 -18.67 -22.83
C TYR B 185 -20.65 -17.99 -21.47
N ALA B 186 -21.09 -18.75 -20.47
CA ALA B 186 -21.21 -18.24 -19.11
C ALA B 186 -20.47 -19.16 -18.14
N LEU B 187 -19.64 -18.56 -17.29
CA LEU B 187 -18.86 -19.33 -16.34
C LEU B 187 -19.43 -19.23 -14.93
N LEU B 188 -19.69 -20.39 -14.33
CA LEU B 188 -20.11 -20.46 -12.93
C LEU B 188 -18.87 -20.59 -12.06
N MET B 189 -18.67 -19.61 -11.18
N MET B 189 -18.70 -19.66 -11.12
CA MET B 189 -17.50 -19.55 -10.33
CA MET B 189 -17.58 -19.71 -10.19
C MET B 189 -17.81 -18.81 -9.02
C MET B 189 -17.82 -18.84 -8.95
N GLU B 190 -16.89 -18.86 -8.07
N GLU B 190 -16.98 -19.01 -7.93
CA GLU B 190 -17.08 -18.20 -6.80
CA GLU B 190 -17.14 -18.25 -6.68
C GLU B 190 -17.24 -16.69 -6.96
C GLU B 190 -17.23 -16.75 -6.90
N SER B 191 -18.21 -16.12 -6.25
CA SER B 191 -18.45 -14.69 -6.37
C SER B 191 -17.20 -13.82 -6.15
N THR B 192 -16.32 -14.23 -5.22
CA THR B 192 -15.09 -13.48 -4.96
C THR B 192 -14.23 -13.35 -6.23
N SER B 193 -14.02 -14.47 -6.91
CA SER B 193 -13.23 -14.49 -8.14
C SER B 193 -13.88 -13.65 -9.24
N ILE B 194 -15.20 -13.70 -9.33
CA ILE B 194 -15.93 -12.92 -10.31
C ILE B 194 -15.76 -11.43 -10.06
N GLU B 195 -15.91 -11.01 -8.82
CA GLU B 195 -15.72 -9.61 -8.49
C GLU B 195 -14.32 -9.16 -8.91
N TYR B 196 -13.34 -10.03 -8.67
CA TYR B 196 -11.94 -9.74 -8.98
C TYR B 196 -11.74 -9.51 -10.47
N VAL B 197 -12.40 -10.33 -11.28
CA VAL B 197 -12.27 -10.24 -12.75
C VAL B 197 -13.08 -9.08 -13.34
N THR B 198 -14.30 -8.91 -12.86
CA THR B 198 -15.16 -7.82 -13.38
C THR B 198 -14.57 -6.45 -13.09
N GLN B 199 -13.76 -6.36 -12.02
CA GLN B 199 -13.09 -5.11 -11.73
C GLN B 199 -11.99 -4.82 -12.76
N ARG B 200 -11.49 -5.88 -13.39
CA ARG B 200 -10.36 -5.79 -14.33
C ARG B 200 -10.74 -5.93 -15.80
N ASN B 201 -11.99 -6.30 -16.07
N ASN B 201 -12.00 -6.31 -16.05
CA ASN B 201 -12.49 -6.37 -17.43
CA ASN B 201 -12.54 -6.43 -17.40
C ASN B 201 -13.86 -5.72 -17.52
C ASN B 201 -13.88 -5.71 -17.47
N CYS B 202 -13.89 -4.52 -18.08
CA CYS B 202 -15.13 -3.74 -18.17
C CYS B 202 -16.15 -4.29 -19.16
N ASN B 203 -15.80 -5.40 -19.81
CA ASN B 203 -16.73 -6.04 -20.75
C ASN B 203 -17.47 -7.21 -20.10
N LEU B 204 -17.01 -7.59 -18.91
CA LEU B 204 -17.59 -8.71 -18.17
C LEU B 204 -18.38 -8.25 -16.94
N THR B 205 -19.39 -9.01 -16.56
CA THR B 205 -20.24 -8.64 -15.43
C THR B 205 -20.74 -9.86 -14.66
N GLN B 206 -21.17 -9.64 -13.42
CA GLN B 206 -21.75 -10.71 -12.64
C GLN B 206 -23.24 -10.77 -12.92
N ILE B 207 -23.76 -11.97 -13.13
CA ILE B 207 -25.17 -12.16 -13.41
C ILE B 207 -25.90 -12.81 -12.25
N GLY B 208 -26.93 -12.13 -11.75
CA GLY B 208 -27.76 -12.66 -10.68
C GLY B 208 -27.09 -12.55 -9.34
N GLY B 209 -27.62 -13.27 -8.36
CA GLY B 209 -27.10 -13.26 -7.01
C GLY B 209 -26.27 -14.49 -6.74
N LEU B 210 -26.22 -14.89 -5.47
CA LEU B 210 -25.43 -16.03 -5.07
C LEU B 210 -26.24 -17.33 -5.18
N ILE B 211 -25.62 -18.35 -5.74
CA ILE B 211 -26.28 -19.64 -5.94
C ILE B 211 -26.21 -20.54 -4.70
N ASP B 212 -25.14 -20.39 -3.93
CA ASP B 212 -25.01 -21.05 -2.64
C ASP B 212 -24.38 -20.07 -1.65
N SER B 213 -24.03 -20.54 -0.47
CA SER B 213 -23.42 -19.65 0.53
C SER B 213 -22.40 -20.38 1.38
N LYS B 214 -21.22 -19.77 1.54
CA LYS B 214 -20.15 -20.35 2.35
C LYS B 214 -19.18 -19.24 2.77
N GLY B 215 -18.31 -19.51 3.73
CA GLY B 215 -17.34 -18.50 4.16
C GLY B 215 -15.93 -19.03 4.23
N TYR B 216 -14.98 -18.12 4.13
CA TYR B 216 -13.59 -18.42 4.38
C TYR B 216 -13.32 -18.10 5.86
N GLY B 217 -12.70 -19.01 6.59
CA GLY B 217 -12.39 -18.76 8.01
C GLY B 217 -10.93 -19.10 8.27
N VAL B 218 -10.40 -18.66 9.40
CA VAL B 218 -9.05 -19.00 9.75
C VAL B 218 -9.08 -20.39 10.38
N GLY B 219 -8.25 -21.30 9.89
CA GLY B 219 -8.24 -22.68 10.47
C GLY B 219 -7.28 -22.81 11.63
N THR B 220 -7.63 -23.68 12.59
CA THR B 220 -6.75 -23.94 13.70
C THR B 220 -6.88 -25.43 14.02
N PRO B 221 -5.89 -25.98 14.72
CA PRO B 221 -6.15 -27.34 15.17
C PRO B 221 -7.36 -27.37 16.12
N ILE B 222 -7.99 -28.54 16.24
CA ILE B 222 -9.13 -28.69 17.16
C ILE B 222 -8.70 -28.32 18.57
N GLY B 223 -9.46 -27.48 19.26
CA GLY B 223 -9.11 -27.10 20.62
C GLY B 223 -8.21 -25.88 20.78
N SER B 224 -7.77 -25.30 19.66
CA SER B 224 -6.87 -24.13 19.73
C SER B 224 -7.47 -22.96 20.48
N PRO B 225 -6.72 -22.39 21.42
CA PRO B 225 -7.19 -21.26 22.20
C PRO B 225 -7.18 -19.99 21.38
N TYR B 226 -6.73 -20.04 20.13
CA TYR B 226 -6.73 -18.82 19.29
C TYR B 226 -7.99 -18.62 18.45
N ARG B 227 -8.78 -19.68 18.29
CA ARG B 227 -9.95 -19.64 17.35
C ARG B 227 -10.96 -18.58 17.75
N ASP B 228 -11.42 -18.62 19.00
CA ASP B 228 -12.43 -17.64 19.46
C ASP B 228 -11.86 -16.24 19.49
N LYS B 229 -10.58 -16.11 19.85
CA LYS B 229 -9.93 -14.80 19.84
C LYS B 229 -9.88 -14.25 18.42
N ILE B 230 -9.60 -15.11 17.45
CA ILE B 230 -9.59 -14.65 16.05
C ILE B 230 -10.98 -14.27 15.56
N THR B 231 -12.00 -15.03 15.95
CA THR B 231 -13.40 -14.63 15.65
C THR B 231 -13.68 -13.20 16.17
N ILE B 232 -13.35 -12.96 17.44
N ILE B 232 -13.34 -12.93 17.43
CA ILE B 232 -13.52 -11.65 18.07
CA ILE B 232 -13.63 -11.60 17.99
C ILE B 232 -12.84 -10.57 17.22
C ILE B 232 -12.79 -10.48 17.34
N ALA B 233 -11.56 -10.78 16.93
CA ALA B 233 -10.78 -9.81 16.14
C ALA B 233 -11.44 -9.56 14.76
N ILE B 234 -11.85 -10.65 14.12
CA ILE B 234 -12.58 -10.52 12.84
C ILE B 234 -13.84 -9.65 12.96
N LEU B 235 -14.66 -9.90 13.97
CA LEU B 235 -15.87 -9.06 14.17
C LEU B 235 -15.53 -7.58 14.37
N GLN B 236 -14.48 -7.30 15.15
N GLN B 236 -14.48 -7.32 15.15
CA GLN B 236 -14.05 -5.91 15.34
CA GLN B 236 -13.98 -5.96 15.35
C GLN B 236 -13.60 -5.26 14.04
C GLN B 236 -13.69 -5.34 14.00
N LEU B 237 -12.83 -6.01 13.24
CA LEU B 237 -12.40 -5.52 11.91
C LEU B 237 -13.59 -5.29 10.98
N GLN B 238 -14.56 -6.18 11.01
N GLN B 238 -14.55 -6.21 11.05
CA GLN B 238 -15.74 -5.96 10.17
CA GLN B 238 -15.82 -6.18 10.31
C GLN B 238 -16.45 -4.71 10.67
C GLN B 238 -16.61 -4.92 10.66
N GLU B 239 -16.77 -4.68 11.95
CA GLU B 239 -17.56 -3.56 12.46
C GLU B 239 -16.92 -2.19 12.30
N GLU B 240 -15.59 -2.12 12.42
N GLU B 240 -15.60 -2.12 12.40
CA GLU B 240 -14.90 -0.85 12.26
CA GLU B 240 -14.89 -0.86 12.26
C GLU B 240 -14.54 -0.57 10.80
C GLU B 240 -14.71 -0.46 10.80
N GLY B 241 -15.17 -1.32 9.89
CA GLY B 241 -15.01 -1.09 8.46
C GLY B 241 -13.68 -1.50 7.86
N LYS B 242 -12.82 -2.17 8.63
CA LYS B 242 -11.49 -2.54 8.14
C LYS B 242 -11.50 -3.68 7.12
N LEU B 243 -12.40 -4.65 7.29
CA LEU B 243 -12.48 -5.74 6.30
C LEU B 243 -12.93 -5.19 4.93
N HIS B 244 -13.84 -4.22 4.98
CA HIS B 244 -14.30 -3.59 3.74
C HIS B 244 -13.11 -2.93 3.01
N MET B 245 -12.34 -2.13 3.74
N MET B 245 -12.32 -2.15 3.73
CA MET B 245 -11.22 -1.43 3.13
CA MET B 245 -11.18 -1.49 3.07
C MET B 245 -10.09 -2.37 2.72
C MET B 245 -10.14 -2.48 2.53
N MET B 246 -10.01 -3.54 3.35
N MET B 246 -9.81 -3.50 3.31
CA MET B 246 -9.03 -4.53 2.94
CA MET B 246 -8.86 -4.50 2.83
C MET B 246 -9.40 -5.10 1.60
C MET B 246 -9.37 -5.19 1.56
N LYS B 247 -10.68 -5.43 1.46
CA LYS B 247 -11.18 -6.06 0.26
C LYS B 247 -11.08 -5.03 -0.87
N GLU B 248 -11.39 -3.78 -0.60
CA GLU B 248 -11.31 -2.75 -1.66
C GLU B 248 -9.86 -2.58 -2.16
N LYS B 249 -8.92 -2.52 -1.21
CA LYS B 249 -7.49 -2.45 -1.52
C LYS B 249 -7.07 -3.47 -2.55
N TRP B 250 -7.50 -4.72 -2.38
CA TRP B 250 -7.05 -5.80 -3.26
C TRP B 250 -7.96 -6.06 -4.47
N TRP B 251 -9.26 -5.80 -4.33
CA TRP B 251 -10.20 -6.05 -5.42
C TRP B 251 -10.39 -4.89 -6.40
N ARG B 252 -10.38 -3.64 -5.91
CA ARG B 252 -10.66 -2.48 -6.79
C ARG B 252 -9.68 -2.40 -7.95
N GLY B 253 -10.22 -2.33 -9.16
CA GLY B 253 -9.40 -2.18 -10.35
C GLY B 253 -9.46 -0.75 -10.87
N ASN B 254 -9.50 -0.62 -12.19
CA ASN B 254 -9.59 0.69 -12.82
C ASN B 254 -11.02 1.03 -13.22
#